data_8I8Z
#
_entry.id   8I8Z
#
_cell.length_a   55.799
_cell.length_b   75.151
_cell.length_c   117.906
_cell.angle_alpha   90.000
_cell.angle_beta   90.000
_cell.angle_gamma   90.000
#
_symmetry.space_group_name_H-M   'P 21 21 21'
#
loop_
_entity.id
_entity.type
_entity.pdbx_description
1 polymer Glycosyltransferase
2 non-polymer 'SULFATE ION'
3 water water
#
_entity_poly.entity_id   1
_entity_poly.type   'polypeptide(L)'
_entity_poly.pdbx_seq_one_letter_code
;SFTSSGMECKNPDSLHVFLVSAPGQGNVTPMLRLAKSLASKGLLVTFSTPESYGKEMRKTNDDISDQPILIGEGSIRFEF
LDDEWDENEHKGEGLDAYATHLERVGKQNLPRMFKKHEEEGRPISCIINNPFIPWVPEVAESLGIPSALLWVQSCASFSS
YYHFFNDLVSFPTESNLKKDVCLPSMPMLKYDEVPLLLYPIVPLPIISLKNAMLRQQKNLSKTFCVLVDTFQQLEDELIH
YLSKLCPIRPIGPLFKISDTSSSNISGDIRKADDCIEWLDSKSPSSVVYISFGSIVHLKQEQITEIAYALMNINISFLWV
MKPPQKDSYDKQHVLPQGFLEKVGEKGKVVKWSPQEQVLSHQSLACFVTHCGWNSSMEALANGIRVVTLPQWGDQVTNAK
FLVDVFGVGVRLSRGDLEDRIIPREEIELRLLEVTSGEKATEMKHNALRWKKAAEEAVAKDGSSSKNLQEFVDELNNFRF
IT
;
_entity_poly.pdbx_strand_id   A
#
# COMPACT_ATOMS: atom_id res chain seq x y z
N LEU A 15 12.89 -9.72 -23.07
CA LEU A 15 13.54 -8.52 -22.55
C LEU A 15 13.92 -8.62 -21.08
N HIS A 16 14.82 -7.73 -20.65
CA HIS A 16 15.37 -7.77 -19.29
C HIS A 16 15.04 -6.46 -18.57
N VAL A 17 14.24 -6.56 -17.51
CA VAL A 17 13.92 -5.43 -16.67
C VAL A 17 14.44 -5.73 -15.27
N PHE A 18 14.69 -4.67 -14.52
CA PHE A 18 15.40 -4.76 -13.24
C PHE A 18 14.61 -3.98 -12.20
N LEU A 19 13.98 -4.69 -11.28
CA LEU A 19 13.08 -4.09 -10.31
C LEU A 19 13.81 -4.06 -8.96
N VAL A 20 14.41 -2.93 -8.65
CA VAL A 20 15.06 -2.71 -7.36
C VAL A 20 14.10 -1.94 -6.48
N SER A 21 13.90 -2.43 -5.26
CA SER A 21 12.99 -1.84 -4.30
C SER A 21 13.76 -1.44 -3.05
N ALA A 22 13.34 -0.34 -2.43
CA ALA A 22 13.85 -0.01 -1.12
C ALA A 22 13.55 -1.17 -0.16
N PRO A 23 14.31 -1.30 0.93
CA PRO A 23 14.07 -2.42 1.86
C PRO A 23 12.75 -2.21 2.59
N GLY A 24 12.33 -3.25 3.29
CA GLY A 24 11.10 -3.13 4.04
C GLY A 24 9.92 -3.76 3.34
N GLN A 25 8.95 -4.20 4.14
CA GLN A 25 7.85 -5.04 3.65
C GLN A 25 7.01 -4.30 2.61
N GLY A 26 6.55 -3.11 2.96
CA GLY A 26 5.57 -2.38 2.15
C GLY A 26 6.09 -1.85 0.83
N ASN A 27 7.39 -1.95 0.60
CA ASN A 27 8.01 -1.62 -0.68
C ASN A 27 8.48 -2.84 -1.44
N VAL A 28 8.85 -3.92 -0.74
CA VAL A 28 9.31 -5.12 -1.42
C VAL A 28 8.14 -5.91 -1.98
N THR A 29 7.09 -6.10 -1.18
CA THR A 29 5.96 -6.90 -1.66
C THR A 29 5.30 -6.29 -2.89
N PRO A 30 4.90 -5.02 -2.92
CA PRO A 30 4.33 -4.48 -4.17
C PRO A 30 5.24 -4.64 -5.37
N MET A 31 6.56 -4.55 -5.20
CA MET A 31 7.46 -4.72 -6.34
C MET A 31 7.46 -6.16 -6.83
N LEU A 32 7.50 -7.12 -5.89
CA LEU A 32 7.45 -8.53 -6.25
C LEU A 32 6.18 -8.86 -7.03
N ARG A 33 5.04 -8.34 -6.57
CA ARG A 33 3.80 -8.49 -7.32
C ARG A 33 3.96 -7.99 -8.75
N LEU A 34 4.56 -6.80 -8.93
CA LEU A 34 4.82 -6.32 -10.28
C LEU A 34 5.73 -7.27 -11.03
N ALA A 35 6.82 -7.70 -10.38
CA ALA A 35 7.77 -8.61 -11.00
C ALA A 35 7.07 -9.86 -11.52
N LYS A 36 6.37 -10.58 -10.63
CA LYS A 36 5.66 -11.80 -11.01
C LYS A 36 4.74 -11.58 -12.19
N SER A 37 4.20 -10.37 -12.35
CA SER A 37 3.32 -10.11 -13.48
C SER A 37 4.08 -9.73 -14.75
N LEU A 38 5.23 -9.09 -14.61
CA LEU A 38 6.04 -8.81 -15.80
C LEU A 38 6.68 -10.07 -16.35
N ALA A 39 7.10 -10.97 -15.46
CA ALA A 39 7.62 -12.27 -15.90
C ALA A 39 6.55 -13.07 -16.64
N SER A 40 5.34 -13.12 -16.07
CA SER A 40 4.26 -13.88 -16.71
C SER A 40 4.04 -13.47 -18.16
N LYS A 41 4.39 -12.23 -18.51
CA LYS A 41 4.40 -11.80 -19.90
C LYS A 41 5.75 -12.05 -20.58
N GLY A 42 6.56 -12.97 -20.06
CA GLY A 42 7.72 -13.46 -20.78
C GLY A 42 9.02 -12.74 -20.51
N LEU A 43 8.99 -11.60 -19.81
CA LEU A 43 10.22 -10.87 -19.59
C LEU A 43 11.14 -11.66 -18.65
N LEU A 44 12.38 -11.20 -18.57
CA LEU A 44 13.33 -11.67 -17.58
C LEU A 44 13.45 -10.57 -16.53
N VAL A 45 12.86 -10.80 -15.35
CA VAL A 45 12.75 -9.79 -14.32
C VAL A 45 13.74 -10.13 -13.21
N THR A 46 14.73 -9.27 -13.02
CA THR A 46 15.63 -9.38 -11.88
C THR A 46 15.10 -8.49 -10.75
N PHE A 47 15.11 -9.02 -9.53
CA PHE A 47 14.69 -8.29 -8.35
C PHE A 47 15.88 -8.07 -7.43
N SER A 48 16.09 -6.81 -7.06
CA SER A 48 17.16 -6.46 -6.15
C SER A 48 16.57 -5.74 -4.94
N THR A 49 17.27 -5.87 -3.82
CA THR A 49 17.02 -5.09 -2.61
C THR A 49 18.30 -5.07 -1.81
N PRO A 50 18.44 -4.14 -0.87
CA PRO A 50 19.58 -4.20 0.05
C PRO A 50 19.75 -5.59 0.66
N GLU A 51 21.00 -6.07 0.66
CA GLU A 51 21.27 -7.44 1.12
C GLU A 51 21.01 -7.60 2.61
N SER A 52 21.12 -6.52 3.40
CA SER A 52 20.75 -6.61 4.80
C SER A 52 19.28 -7.00 4.95
N TYR A 53 18.43 -6.48 4.07
CA TYR A 53 17.06 -6.98 3.99
C TYR A 53 16.97 -8.27 3.21
N GLY A 54 17.97 -8.57 2.38
CA GLY A 54 17.93 -9.77 1.57
C GLY A 54 18.08 -11.05 2.37
N LYS A 55 19.04 -11.09 3.30
CA LYS A 55 19.24 -12.29 4.09
C LYS A 55 18.01 -12.60 4.93
N GLU A 56 17.35 -11.56 5.46
CA GLU A 56 16.11 -11.81 6.17
C GLU A 56 15.03 -12.28 5.22
N MET A 57 15.03 -11.79 3.98
CA MET A 57 14.17 -12.35 2.95
C MET A 57 14.50 -13.82 2.70
N ARG A 58 15.76 -14.21 2.89
CA ARG A 58 16.19 -15.58 2.62
C ARG A 58 15.69 -16.54 3.68
N LYS A 59 15.66 -16.10 4.94
CA LYS A 59 15.27 -16.98 6.02
C LYS A 59 13.77 -17.23 6.03
N THR A 60 12.97 -16.17 5.92
CA THR A 60 11.52 -16.32 6.03
C THR A 60 10.96 -17.12 4.86
N ASN A 61 11.33 -16.76 3.65
CA ASN A 61 10.81 -17.41 2.45
C ASN A 61 11.91 -18.22 1.78
N ASP A 62 11.56 -19.41 1.33
CA ASP A 62 12.44 -20.18 0.48
C ASP A 62 11.98 -20.04 -0.96
N ASP A 63 12.59 -20.81 -1.86
CA ASP A 63 12.51 -20.60 -3.30
C ASP A 63 12.99 -19.22 -3.72
N ILE A 64 13.65 -18.49 -2.82
CA ILE A 64 14.26 -17.21 -3.16
C ILE A 64 15.78 -17.21 -2.96
N SER A 65 16.33 -18.08 -2.11
CA SER A 65 17.76 -18.19 -1.90
C SER A 65 18.46 -18.93 -3.04
N ASP A 66 17.73 -19.25 -4.11
CA ASP A 66 18.20 -20.23 -5.07
C ASP A 66 18.56 -19.61 -6.41
N GLN A 67 18.22 -20.31 -7.46
CA GLN A 67 18.45 -19.90 -8.83
C GLN A 67 17.08 -19.48 -9.38
N PRO A 68 16.98 -19.00 -10.63
CA PRO A 68 15.72 -18.41 -11.10
C PRO A 68 14.49 -19.23 -10.79
N ILE A 69 13.38 -18.53 -10.63
CA ILE A 69 12.05 -19.12 -10.48
C ILE A 69 11.27 -18.83 -11.75
N LEU A 70 10.52 -19.83 -12.21
CA LEU A 70 9.85 -19.77 -13.51
C LEU A 70 8.40 -19.37 -13.32
N ILE A 71 7.96 -18.33 -14.04
CA ILE A 71 6.57 -17.89 -14.02
C ILE A 71 6.09 -17.72 -15.45
N GLY A 72 5.00 -18.42 -15.80
CA GLY A 72 4.52 -18.38 -17.17
C GLY A 72 5.64 -18.68 -18.12
N GLU A 73 5.75 -17.84 -19.16
CA GLU A 73 6.86 -17.91 -20.09
C GLU A 73 8.05 -17.09 -19.63
N GLY A 74 7.97 -16.50 -18.44
CA GLY A 74 9.03 -15.65 -17.94
C GLY A 74 9.70 -16.23 -16.70
N SER A 75 10.68 -15.49 -16.23
CA SER A 75 11.52 -15.93 -15.13
C SER A 75 11.75 -14.75 -14.19
N ILE A 76 12.04 -15.07 -12.94
CA ILE A 76 12.43 -14.06 -11.96
C ILE A 76 13.71 -14.54 -11.28
N ARG A 77 14.72 -13.66 -11.25
CA ARG A 77 15.97 -13.86 -10.54
C ARG A 77 16.11 -12.78 -9.46
N PHE A 78 16.90 -13.09 -8.44
CA PHE A 78 17.18 -12.16 -7.35
C PHE A 78 18.67 -11.86 -7.33
N GLU A 79 19.02 -10.58 -7.23
CA GLU A 79 20.42 -10.16 -7.18
C GLU A 79 20.50 -9.00 -6.18
N PHE A 80 20.64 -9.34 -4.90
CA PHE A 80 20.56 -8.34 -3.84
C PHE A 80 21.72 -7.37 -3.91
N LEU A 81 21.41 -6.08 -3.86
CA LEU A 81 22.42 -5.04 -3.80
C LEU A 81 23.30 -5.23 -2.56
N ASP A 82 24.61 -5.23 -2.76
CA ASP A 82 25.50 -5.38 -1.62
C ASP A 82 25.36 -4.17 -0.72
N ASP A 83 24.84 -4.41 0.49
CA ASP A 83 24.60 -3.32 1.43
C ASP A 83 25.92 -2.70 1.90
N GLU A 84 26.95 -3.52 2.13
CA GLU A 84 28.10 -3.07 2.89
C GLU A 84 27.63 -2.40 4.16
N TRP A 85 26.62 -3.02 4.78
CA TRP A 85 25.95 -2.52 5.98
C TRP A 85 25.86 -3.71 6.93
N ASP A 86 26.84 -3.81 7.83
CA ASP A 86 26.95 -4.92 8.76
C ASP A 86 26.96 -4.46 10.22
N GLU A 87 26.84 -3.16 10.48
CA GLU A 87 27.06 -2.58 11.80
C GLU A 87 25.91 -2.77 12.77
N LEU A 95 17.73 5.87 10.82
CA LEU A 95 17.51 5.64 9.39
C LEU A 95 18.24 6.68 8.54
N ASP A 96 18.33 7.93 9.03
CA ASP A 96 18.91 8.98 8.22
C ASP A 96 20.41 8.74 7.97
N ALA A 97 21.08 8.07 8.91
CA ALA A 97 22.43 7.62 8.63
C ALA A 97 22.43 6.56 7.53
N TYR A 98 21.47 5.63 7.60
CA TYR A 98 21.44 4.48 6.69
C TYR A 98 21.05 4.88 5.28
N ALA A 99 20.12 5.84 5.16
CA ALA A 99 19.73 6.31 3.83
C ALA A 99 20.92 6.85 3.06
N THR A 100 21.77 7.61 3.75
CA THR A 100 22.97 8.16 3.17
C THR A 100 23.87 7.02 2.72
N HIS A 101 24.33 6.21 3.68
CA HIS A 101 25.21 5.08 3.37
C HIS A 101 24.72 4.30 2.16
N LEU A 102 23.44 3.90 2.19
CA LEU A 102 22.89 3.05 1.13
C LEU A 102 23.01 3.71 -0.24
N GLU A 103 22.71 5.01 -0.33
CA GLU A 103 22.74 5.68 -1.61
C GLU A 103 24.15 5.69 -2.22
N ARG A 104 25.17 5.90 -1.39
CA ARG A 104 26.52 5.99 -1.95
C ARG A 104 26.97 4.62 -2.42
N VAL A 105 26.68 3.59 -1.62
CA VAL A 105 27.05 2.21 -1.94
C VAL A 105 26.25 1.72 -3.13
N GLY A 106 24.95 2.03 -3.17
CA GLY A 106 24.14 1.67 -4.33
C GLY A 106 24.67 2.31 -5.60
N LYS A 107 24.99 3.60 -5.53
CA LYS A 107 25.51 4.29 -6.71
C LYS A 107 26.87 3.76 -7.14
N GLN A 108 27.58 3.08 -6.25
CA GLN A 108 28.86 2.48 -6.62
C GLN A 108 28.69 1.04 -7.11
N ASN A 109 27.77 0.27 -6.53
CA ASN A 109 27.64 -1.14 -6.84
C ASN A 109 26.74 -1.40 -8.04
N LEU A 110 25.58 -0.72 -8.09
CA LEU A 110 24.61 -0.93 -9.17
C LEU A 110 25.21 -0.91 -10.57
N PRO A 111 26.07 0.04 -10.95
CA PRO A 111 26.51 0.08 -12.35
C PRO A 111 27.30 -1.14 -12.77
N ARG A 112 28.17 -1.70 -11.92
CA ARG A 112 28.88 -2.89 -12.36
C ARG A 112 28.01 -4.14 -12.26
N MET A 113 27.12 -4.20 -11.26
CA MET A 113 26.06 -5.22 -11.30
C MET A 113 25.35 -5.19 -12.65
N PHE A 114 25.05 -3.97 -13.12
CA PHE A 114 24.34 -3.80 -14.38
C PHE A 114 25.19 -4.29 -15.56
N LYS A 115 26.48 -3.95 -15.55
CA LYS A 115 27.32 -4.27 -16.70
C LYS A 115 27.75 -5.74 -16.71
N LYS A 116 27.84 -6.38 -15.53
CA LYS A 116 28.01 -7.82 -15.50
C LYS A 116 26.94 -8.50 -16.37
N HIS A 117 25.76 -7.88 -16.47
CA HIS A 117 24.74 -8.36 -17.40
C HIS A 117 25.00 -7.90 -18.82
N GLU A 118 25.72 -6.80 -19.01
CA GLU A 118 26.15 -6.43 -20.35
C GLU A 118 27.22 -7.40 -20.86
N GLU A 119 28.22 -7.69 -20.03
CA GLU A 119 29.27 -8.65 -20.39
C GLU A 119 28.68 -10.03 -20.73
N GLU A 120 27.69 -10.49 -19.96
CA GLU A 120 27.10 -11.82 -20.11
C GLU A 120 26.01 -11.87 -21.17
N GLY A 121 25.79 -10.79 -21.92
CA GLY A 121 24.79 -10.80 -22.98
C GLY A 121 23.37 -10.59 -22.53
N ARG A 122 23.16 -9.79 -21.48
CA ARG A 122 21.85 -9.56 -20.87
C ARG A 122 21.66 -8.05 -20.69
N PRO A 123 21.54 -7.30 -21.78
CA PRO A 123 21.42 -5.85 -21.65
C PRO A 123 20.09 -5.50 -21.02
N ILE A 124 20.14 -4.74 -19.94
CA ILE A 124 18.96 -4.44 -19.14
C ILE A 124 18.13 -3.37 -19.84
N SER A 125 16.87 -3.69 -20.13
CA SER A 125 16.01 -2.83 -20.95
C SER A 125 15.29 -1.75 -20.15
N CYS A 126 15.32 -1.82 -18.82
CA CYS A 126 14.58 -0.86 -18.00
C CYS A 126 14.85 -1.12 -16.53
N ILE A 127 14.77 -0.05 -15.74
CA ILE A 127 15.01 -0.11 -14.30
C ILE A 127 13.80 0.50 -13.63
N ILE A 128 13.17 -0.26 -12.75
CA ILE A 128 11.99 0.20 -12.02
C ILE A 128 12.34 0.26 -10.54
N ASN A 129 12.09 1.41 -9.93
CA ASN A 129 12.25 1.63 -8.51
C ASN A 129 10.93 2.11 -7.90
N ASN A 130 10.88 2.11 -6.57
CA ASN A 130 9.81 2.73 -5.83
C ASN A 130 10.34 3.97 -5.11
N PRO A 131 9.45 4.86 -4.65
CA PRO A 131 9.90 6.21 -4.25
C PRO A 131 10.81 6.23 -3.03
N PHE A 132 11.09 5.11 -2.37
CA PHE A 132 11.92 5.17 -1.18
C PHE A 132 13.37 4.79 -1.47
N ILE A 133 13.78 4.78 -2.74
CA ILE A 133 15.16 4.97 -3.16
C ILE A 133 15.14 5.89 -4.37
N PRO A 134 14.93 7.19 -4.17
CA PRO A 134 14.68 8.09 -5.31
C PRO A 134 15.94 8.48 -6.09
N TRP A 135 17.11 8.09 -5.61
CA TRP A 135 18.33 8.36 -6.37
C TRP A 135 18.51 7.38 -7.52
N VAL A 136 17.81 6.25 -7.49
CA VAL A 136 17.95 5.25 -8.55
C VAL A 136 17.80 5.85 -9.95
N PRO A 137 16.79 6.67 -10.24
CA PRO A 137 16.68 7.22 -11.60
C PRO A 137 17.87 8.08 -12.00
N GLU A 138 18.61 8.63 -11.02
CA GLU A 138 19.84 9.34 -11.35
C GLU A 138 20.84 8.40 -11.98
N VAL A 139 20.97 7.19 -11.40
CA VAL A 139 21.75 6.11 -11.99
C VAL A 139 21.26 5.80 -13.41
N ALA A 140 19.98 5.49 -13.54
CA ALA A 140 19.45 5.11 -14.85
C ALA A 140 19.73 6.17 -15.92
N GLU A 141 19.69 7.45 -15.55
CA GLU A 141 20.06 8.48 -16.51
C GLU A 141 21.53 8.39 -16.88
N SER A 142 22.40 8.18 -15.88
CA SER A 142 23.83 8.05 -16.10
C SER A 142 24.15 7.02 -17.18
N LEU A 143 23.71 5.79 -16.98
CA LEU A 143 24.10 4.68 -17.84
C LEU A 143 23.16 4.52 -19.02
N GLY A 144 22.36 5.54 -19.33
CA GLY A 144 21.51 5.49 -20.50
C GLY A 144 20.40 4.46 -20.49
N ILE A 145 20.03 3.94 -19.33
CA ILE A 145 18.97 2.92 -19.22
C ILE A 145 17.69 3.61 -18.76
N PRO A 146 16.55 3.36 -19.41
CA PRO A 146 15.30 4.01 -19.01
C PRO A 146 14.93 3.72 -17.56
N SER A 147 14.27 4.70 -16.95
CA SER A 147 13.82 4.62 -15.57
C SER A 147 12.30 4.71 -15.55
N ALA A 148 11.66 3.73 -14.91
CA ALA A 148 10.23 3.76 -14.60
C ALA A 148 10.04 3.78 -13.09
N LEU A 149 8.91 4.33 -12.66
CA LEU A 149 8.60 4.43 -11.23
C LEU A 149 7.36 3.59 -10.92
N LEU A 150 7.46 2.77 -9.87
CA LEU A 150 6.33 2.02 -9.34
C LEU A 150 5.82 2.76 -8.12
N TRP A 151 4.69 3.44 -8.29
CA TRP A 151 4.01 4.15 -7.22
C TRP A 151 3.01 3.21 -6.57
N VAL A 152 3.13 3.01 -5.25
CA VAL A 152 2.33 2.00 -4.60
C VAL A 152 1.18 2.61 -3.79
N GLN A 153 0.98 3.93 -3.87
CA GLN A 153 -0.09 4.55 -3.13
C GLN A 153 -1.19 4.97 -4.09
N SER A 154 -2.18 5.69 -3.57
CA SER A 154 -3.27 6.13 -4.45
C SER A 154 -2.76 7.17 -5.44
N CYS A 155 -3.61 7.46 -6.44
CA CYS A 155 -3.27 8.55 -7.35
C CYS A 155 -3.53 9.92 -6.75
N ALA A 156 -4.51 10.05 -5.85
CA ALA A 156 -4.62 11.26 -5.05
C ALA A 156 -3.33 11.49 -4.28
N SER A 157 -2.72 10.42 -3.77
CA SER A 157 -1.49 10.59 -3.02
C SER A 157 -0.38 11.09 -3.94
N PHE A 158 -0.27 10.50 -5.13
CA PHE A 158 0.72 10.96 -6.10
C PHE A 158 0.49 12.40 -6.51
N SER A 159 -0.77 12.78 -6.82
CA SER A 159 -1.05 14.17 -7.20
C SER A 159 -0.71 15.13 -6.06
N SER A 160 -0.95 14.71 -4.82
CA SER A 160 -0.61 15.54 -3.66
C SER A 160 0.87 15.87 -3.64
N TYR A 161 1.72 14.85 -3.74
CA TYR A 161 3.16 15.09 -3.73
C TYR A 161 3.58 15.92 -4.94
N TYR A 162 2.96 15.68 -6.09
CA TYR A 162 3.35 16.37 -7.30
C TYR A 162 3.01 17.84 -7.22
N HIS A 163 1.83 18.14 -6.69
CA HIS A 163 1.41 19.52 -6.58
C HIS A 163 2.13 20.22 -5.45
N PHE A 164 2.62 19.46 -4.49
CA PHE A 164 3.41 20.04 -3.41
C PHE A 164 4.81 20.33 -3.87
N PHE A 165 5.50 19.32 -4.42
CA PHE A 165 6.89 19.54 -4.81
C PHE A 165 7.00 20.67 -5.82
N ASN A 166 6.03 20.75 -6.74
CA ASN A 166 6.05 21.75 -7.79
C ASN A 166 5.39 23.06 -7.37
N ASP A 167 4.99 23.15 -6.10
CA ASP A 167 4.47 24.38 -5.55
C ASP A 167 3.32 24.91 -6.41
N LEU A 168 2.44 23.99 -6.81
CA LEU A 168 1.36 24.33 -7.74
C LEU A 168 0.06 24.73 -7.01
N VAL A 169 -0.07 24.33 -5.74
CA VAL A 169 -1.26 24.55 -4.93
C VAL A 169 -0.78 24.88 -3.52
N SER A 170 -1.58 25.65 -2.77
CA SER A 170 -1.23 25.98 -1.39
C SER A 170 -1.56 24.84 -0.43
N PHE A 171 -0.56 24.43 0.35
CA PHE A 171 -0.59 23.43 1.41
C PHE A 171 -0.45 24.07 2.78
N PRO A 172 -0.79 23.36 3.87
CA PRO A 172 -0.56 23.93 5.20
C PRO A 172 0.92 24.22 5.42
N THR A 173 1.20 25.32 6.12
CA THR A 173 2.54 25.75 6.44
C THR A 173 2.60 26.07 7.94
N GLU A 174 3.85 26.28 8.43
CA GLU A 174 4.08 26.76 9.80
C GLU A 174 3.29 28.01 10.13
N SER A 175 2.97 28.83 9.14
CA SER A 175 2.24 30.04 9.40
C SER A 175 0.73 29.86 9.27
N ASN A 176 0.26 28.81 8.56
CA ASN A 176 -1.17 28.52 8.46
C ASN A 176 -1.34 27.00 8.48
N LEU A 177 -1.26 26.42 9.68
CA LEU A 177 -1.15 24.97 9.81
C LEU A 177 -2.45 24.23 9.52
N LYS A 178 -3.60 24.92 9.52
CA LYS A 178 -4.89 24.27 9.33
C LYS A 178 -5.49 24.58 7.97
N LYS A 179 -4.67 25.03 7.03
CA LYS A 179 -5.19 25.40 5.74
C LYS A 179 -5.74 24.18 5.01
N ASP A 180 -6.85 24.40 4.29
CA ASP A 180 -7.42 23.45 3.37
C ASP A 180 -6.61 23.42 2.06
N VAL A 181 -6.78 22.35 1.28
CA VAL A 181 -5.99 22.15 0.08
C VAL A 181 -6.90 21.73 -1.06
N CYS A 182 -6.92 22.50 -2.13
CA CYS A 182 -7.76 22.23 -3.30
C CYS A 182 -6.91 21.71 -4.45
N LEU A 183 -6.75 20.42 -4.50
CA LEU A 183 -6.09 19.83 -5.65
C LEU A 183 -7.09 19.61 -6.78
N PRO A 184 -6.64 19.72 -8.03
CA PRO A 184 -7.55 19.49 -9.17
C PRO A 184 -8.08 18.06 -9.21
N SER A 185 -9.32 17.94 -9.68
CA SER A 185 -9.97 16.63 -9.83
C SER A 185 -9.85 15.79 -8.57
N MET A 186 -10.04 16.43 -7.41
CA MET A 186 -9.99 15.81 -6.09
C MET A 186 -10.93 16.59 -5.20
N PRO A 187 -11.55 15.93 -4.21
CA PRO A 187 -12.31 16.70 -3.22
C PRO A 187 -11.39 17.60 -2.42
N MET A 188 -11.98 18.63 -1.84
CA MET A 188 -11.25 19.41 -0.85
C MET A 188 -10.70 18.50 0.23
N LEU A 189 -9.44 18.69 0.58
CA LEU A 189 -8.80 17.98 1.68
C LEU A 189 -8.50 18.97 2.80
N LYS A 190 -9.00 18.67 4.02
CA LYS A 190 -8.63 19.43 5.19
C LYS A 190 -7.14 19.25 5.50
N TYR A 191 -6.62 20.11 6.39
CA TYR A 191 -5.18 20.12 6.69
C TYR A 191 -4.67 18.76 7.13
N ASP A 192 -5.48 18.02 7.89
CA ASP A 192 -5.11 16.71 8.42
C ASP A 192 -5.52 15.57 7.49
N GLU A 193 -5.99 15.87 6.27
CA GLU A 193 -6.36 14.86 5.30
C GLU A 193 -5.36 14.76 4.16
N VAL A 194 -4.41 15.69 4.08
CA VAL A 194 -3.29 15.61 3.15
C VAL A 194 -2.36 14.52 3.70
N PRO A 195 -1.57 13.84 2.88
CA PRO A 195 -0.66 12.85 3.46
C PRO A 195 0.32 13.49 4.42
N LEU A 196 0.51 12.85 5.58
CA LEU A 196 1.13 13.47 6.73
C LEU A 196 2.61 13.76 6.52
N LEU A 197 3.26 13.01 5.62
CA LEU A 197 4.63 13.33 5.25
C LEU A 197 4.78 14.77 4.74
N LEU A 198 3.72 15.41 4.26
CA LEU A 198 3.80 16.77 3.73
C LEU A 198 3.44 17.83 4.75
N TYR A 199 2.74 17.44 5.81
CA TYR A 199 2.45 18.34 6.92
C TYR A 199 3.74 18.90 7.53
N PRO A 200 3.79 20.17 7.93
CA PRO A 200 5.10 20.73 8.37
C PRO A 200 5.57 20.18 9.70
N ILE A 201 4.66 19.94 10.65
CA ILE A 201 5.03 19.41 11.97
C ILE A 201 5.13 17.88 11.87
N VAL A 202 6.32 17.37 11.55
CA VAL A 202 6.52 15.93 11.53
C VAL A 202 7.67 15.54 12.44
N PRO A 203 7.68 14.33 12.99
CA PRO A 203 8.85 13.88 13.75
C PRO A 203 10.07 13.87 12.84
N LEU A 204 11.23 14.03 13.46
CA LEU A 204 12.47 13.94 12.71
C LEU A 204 12.67 12.57 12.03
N PRO A 205 12.27 11.44 12.61
CA PRO A 205 12.40 10.16 11.89
C PRO A 205 11.88 10.18 10.46
N ILE A 206 10.71 10.77 10.24
CA ILE A 206 10.09 10.72 8.94
C ILE A 206 10.33 12.00 8.15
N ILE A 207 11.24 12.87 8.62
CA ILE A 207 11.80 13.87 7.73
C ILE A 207 12.57 13.18 6.61
N SER A 208 13.27 12.09 6.94
CA SER A 208 13.99 11.29 5.94
C SER A 208 13.05 10.63 4.94
N LEU A 209 11.77 10.49 5.27
CA LEU A 209 10.78 9.94 4.36
C LEU A 209 10.17 11.02 3.47
N LYS A 210 9.85 12.18 4.06
CA LYS A 210 9.45 13.32 3.26
C LYS A 210 10.56 13.74 2.30
N ASN A 211 11.83 13.59 2.70
CA ASN A 211 12.93 13.91 1.80
C ASN A 211 12.94 13.00 0.58
N ALA A 212 12.79 11.69 0.81
CA ALA A 212 12.82 10.73 -0.29
C ALA A 212 11.67 10.96 -1.26
N MET A 213 10.47 11.22 -0.74
CA MET A 213 9.34 11.53 -1.61
C MET A 213 9.65 12.70 -2.53
N LEU A 214 10.19 13.79 -1.95
CA LEU A 214 10.43 15.01 -2.72
C LEU A 214 11.56 14.83 -3.72
N ARG A 215 12.60 14.09 -3.35
CA ARG A 215 13.63 13.73 -4.31
C ARG A 215 13.04 12.94 -5.49
N GLN A 216 12.10 12.03 -5.21
CA GLN A 216 11.47 11.27 -6.29
C GLN A 216 10.69 12.19 -7.22
N GLN A 217 10.03 13.21 -6.65
CA GLN A 217 9.33 14.17 -7.50
C GLN A 217 10.32 14.99 -8.31
N LYS A 218 11.50 15.27 -7.73
CA LYS A 218 12.55 15.95 -8.48
C LYS A 218 13.04 15.07 -9.62
N ASN A 219 13.29 13.78 -9.34
CA ASN A 219 13.79 12.85 -10.35
C ASN A 219 12.70 12.31 -11.28
N LEU A 220 11.47 12.81 -11.16
CA LEU A 220 10.41 12.37 -12.06
C LEU A 220 10.76 12.73 -13.51
N SER A 221 11.50 13.83 -13.69
CA SER A 221 11.88 14.28 -15.03
C SER A 221 12.82 13.29 -15.70
N LYS A 222 13.53 12.46 -14.93
CA LYS A 222 14.34 11.38 -15.46
C LYS A 222 13.52 10.16 -15.81
N THR A 223 12.24 10.13 -15.44
CA THR A 223 11.44 8.92 -15.50
C THR A 223 10.44 9.00 -16.65
N PHE A 224 10.37 7.94 -17.46
CA PHE A 224 9.48 7.98 -18.62
C PHE A 224 8.09 7.46 -18.31
N CYS A 225 7.93 6.59 -17.33
CA CYS A 225 6.61 6.05 -17.01
C CYS A 225 6.47 5.91 -15.49
N VAL A 226 5.31 6.31 -14.96
CA VAL A 226 4.92 6.03 -13.57
C VAL A 226 3.79 5.01 -13.56
N LEU A 227 4.08 3.86 -13.00
CA LEU A 227 3.09 2.79 -12.84
C LEU A 227 2.45 2.92 -11.46
N VAL A 228 1.13 3.12 -11.44
CA VAL A 228 0.37 3.37 -10.22
C VAL A 228 -0.51 2.16 -9.92
N ASP A 229 -0.46 1.71 -8.67
CA ASP A 229 -1.25 0.59 -8.18
C ASP A 229 -2.65 1.06 -7.80
N THR A 230 -3.41 1.39 -8.85
CA THR A 230 -4.82 1.71 -8.73
C THR A 230 -5.48 1.23 -10.01
N PHE A 231 -6.78 1.47 -10.14
CA PHE A 231 -7.44 1.18 -11.40
C PHE A 231 -8.24 2.39 -11.85
N GLN A 232 -8.42 2.47 -13.16
CA GLN A 232 -8.96 3.66 -13.81
C GLN A 232 -10.26 4.13 -13.17
N GLN A 233 -11.23 3.22 -13.00
CA GLN A 233 -12.55 3.65 -12.51
C GLN A 233 -12.52 4.17 -11.07
N LEU A 234 -11.53 3.78 -10.27
CA LEU A 234 -11.50 4.26 -8.89
C LEU A 234 -11.17 5.75 -8.83
N GLU A 235 -10.19 6.21 -9.63
CA GLU A 235 -9.67 7.58 -9.64
C GLU A 235 -9.68 8.14 -11.07
N ASP A 236 -10.83 7.94 -11.74
CA ASP A 236 -10.89 8.12 -13.19
C ASP A 236 -10.65 9.57 -13.60
N GLU A 237 -11.44 10.49 -13.05
CA GLU A 237 -11.36 11.85 -13.55
C GLU A 237 -10.02 12.48 -13.22
N LEU A 238 -9.40 12.04 -12.12
CA LEU A 238 -8.08 12.56 -11.74
C LEU A 238 -6.99 11.99 -12.64
N ILE A 239 -7.05 10.69 -12.93
CA ILE A 239 -6.03 10.08 -13.77
C ILE A 239 -6.02 10.71 -15.15
N HIS A 240 -7.18 11.13 -15.64
CA HIS A 240 -7.24 11.78 -16.94
C HIS A 240 -6.65 13.19 -16.86
N TYR A 241 -6.95 13.91 -15.79
CA TYR A 241 -6.29 15.20 -15.57
C TYR A 241 -4.80 15.02 -15.36
N LEU A 242 -4.42 14.17 -14.40
CA LEU A 242 -3.02 14.04 -14.02
C LEU A 242 -2.17 13.56 -15.18
N SER A 243 -2.71 12.70 -16.06
CA SER A 243 -1.91 12.11 -17.14
C SER A 243 -1.49 13.11 -18.20
N LYS A 244 -2.17 14.24 -18.34
CA LYS A 244 -1.70 15.25 -19.30
C LYS A 244 -0.39 15.93 -18.83
N LEU A 245 -0.18 16.04 -17.52
CA LEU A 245 1.04 16.60 -16.95
C LEU A 245 2.10 15.56 -16.68
N CYS A 246 1.72 14.30 -16.54
CA CYS A 246 2.61 13.31 -16.01
C CYS A 246 2.28 11.96 -16.63
N PRO A 247 3.27 11.12 -16.90
CA PRO A 247 2.99 9.82 -17.57
C PRO A 247 2.60 8.68 -16.62
N ILE A 248 1.31 8.70 -16.23
CA ILE A 248 0.71 7.75 -15.29
C ILE A 248 0.11 6.58 -16.04
N ARG A 249 0.44 5.36 -15.62
CA ARG A 249 -0.29 4.16 -16.05
C ARG A 249 -0.92 3.42 -14.85
N PRO A 250 -2.24 3.46 -14.68
CA PRO A 250 -2.87 2.64 -13.63
C PRO A 250 -2.84 1.17 -14.01
N ILE A 251 -2.25 0.35 -13.13
CA ILE A 251 -2.06 -1.07 -13.41
C ILE A 251 -2.59 -1.96 -12.29
N GLY A 252 -3.24 -1.41 -11.27
CA GLY A 252 -3.63 -2.20 -10.13
C GLY A 252 -5.08 -2.62 -10.17
N PRO A 253 -5.56 -3.30 -9.09
CA PRO A 253 -4.70 -3.65 -7.95
C PRO A 253 -3.76 -4.82 -8.22
N LEU A 254 -2.51 -4.64 -7.78
CA LEU A 254 -1.46 -5.61 -8.07
C LEU A 254 -1.76 -6.97 -7.43
N PHE A 255 -2.36 -6.97 -6.24
CA PHE A 255 -2.59 -8.25 -5.56
C PHE A 255 -3.56 -9.12 -6.34
N LYS A 256 -4.48 -8.50 -7.09
CA LYS A 256 -5.43 -9.25 -7.93
C LYS A 256 -4.75 -9.79 -9.19
N ILE A 257 -3.93 -8.97 -9.85
CA ILE A 257 -3.29 -9.36 -11.10
C ILE A 257 -2.47 -10.65 -10.90
N SER A 258 -1.47 -10.59 -10.03
CA SER A 258 -0.58 -11.73 -9.76
C SER A 258 -0.60 -12.03 -8.27
N ASP A 259 -0.81 -13.29 -7.93
CA ASP A 259 -1.07 -13.68 -6.53
C ASP A 259 0.17 -13.66 -5.64
N ALA A 272 -3.36 -20.18 8.96
CA ALA A 272 -4.47 -20.19 9.91
C ALA A 272 -5.68 -20.79 9.23
N ASP A 273 -5.69 -22.11 9.13
CA ASP A 273 -6.90 -22.79 8.64
C ASP A 273 -8.07 -22.48 9.55
N ASP A 274 -7.79 -22.26 10.84
CA ASP A 274 -8.84 -21.98 11.81
C ASP A 274 -9.60 -20.73 11.45
N CYS A 275 -8.88 -19.71 10.93
CA CYS A 275 -9.52 -18.47 10.49
C CYS A 275 -10.66 -18.75 9.53
N ILE A 276 -10.35 -19.39 8.41
CA ILE A 276 -11.40 -19.64 7.42
C ILE A 276 -12.38 -20.69 7.93
N GLU A 277 -11.91 -21.66 8.71
CA GLU A 277 -12.82 -22.65 9.31
C GLU A 277 -13.76 -22.01 10.32
N TRP A 278 -13.24 -21.12 11.15
CA TRP A 278 -14.12 -20.40 12.07
C TRP A 278 -15.10 -19.51 11.31
N LEU A 279 -14.65 -18.93 10.19
CA LEU A 279 -15.49 -17.99 9.46
C LEU A 279 -16.64 -18.70 8.75
N ASP A 280 -16.40 -19.93 8.27
CA ASP A 280 -17.45 -20.71 7.63
C ASP A 280 -18.60 -21.01 8.58
N SER A 281 -18.36 -21.03 9.88
CA SER A 281 -19.37 -21.40 10.86
C SER A 281 -20.33 -20.27 11.18
N LYS A 282 -20.03 -19.04 10.76
CA LYS A 282 -20.84 -17.88 11.07
C LYS A 282 -21.85 -17.62 9.96
N SER A 283 -22.87 -16.81 10.28
CA SER A 283 -23.82 -16.38 9.28
C SER A 283 -23.14 -15.38 8.34
N PRO A 284 -23.75 -15.13 7.17
CA PRO A 284 -23.15 -14.17 6.24
C PRO A 284 -23.26 -12.77 6.80
N SER A 285 -22.24 -11.96 6.51
CA SER A 285 -22.23 -10.56 6.89
C SER A 285 -22.52 -10.40 8.38
N SER A 286 -21.71 -11.07 9.20
CA SER A 286 -21.90 -11.01 10.64
C SER A 286 -20.63 -10.77 11.44
N VAL A 287 -19.44 -10.92 10.87
CA VAL A 287 -18.21 -10.77 11.64
C VAL A 287 -17.57 -9.40 11.38
N VAL A 288 -17.26 -8.69 12.45
CA VAL A 288 -16.43 -7.50 12.33
C VAL A 288 -14.98 -7.96 12.22
N TYR A 289 -14.31 -7.61 11.12
CA TYR A 289 -12.91 -7.98 10.92
C TYR A 289 -12.02 -6.79 11.30
N ILE A 290 -10.98 -7.06 12.08
CA ILE A 290 -10.15 -5.99 12.62
C ILE A 290 -8.69 -6.33 12.35
N SER A 291 -8.01 -5.47 11.58
CA SER A 291 -6.60 -5.70 11.26
C SER A 291 -5.97 -4.39 10.81
N PHE A 292 -4.77 -4.10 11.34
CA PHE A 292 -4.07 -2.86 11.08
C PHE A 292 -2.72 -3.11 10.43
N GLY A 293 -2.61 -4.18 9.62
CA GLY A 293 -1.41 -4.49 8.87
C GLY A 293 -0.19 -4.75 9.72
N SER A 294 0.89 -5.23 9.09
CA SER A 294 2.06 -5.68 9.84
C SER A 294 2.84 -4.55 10.50
N ILE A 295 2.46 -3.28 10.51
CA ILE A 295 3.35 -2.26 11.07
C ILE A 295 2.70 -1.48 12.21
N VAL A 296 1.38 -1.29 12.15
CA VAL A 296 0.68 -0.39 13.06
C VAL A 296 0.45 -1.07 14.40
N HIS A 297 1.07 -0.50 15.44
CA HIS A 297 0.84 -0.89 16.85
C HIS A 297 0.13 0.26 17.52
N LEU A 298 -1.05 -0.01 18.09
CA LEU A 298 -1.85 1.04 18.71
C LEU A 298 -1.41 1.26 20.16
N LYS A 299 -1.88 2.35 20.76
CA LYS A 299 -1.72 2.53 22.20
C LYS A 299 -2.58 1.53 22.96
N GLN A 300 -2.08 1.07 24.11
CA GLN A 300 -2.87 0.11 24.91
C GLN A 300 -4.25 0.66 25.22
N GLU A 301 -4.34 1.96 25.52
CA GLU A 301 -5.62 2.58 25.87
C GLU A 301 -6.60 2.51 24.72
N GLN A 302 -6.11 2.57 23.49
CA GLN A 302 -7.02 2.44 22.36
C GLN A 302 -7.48 1.00 22.21
N ILE A 303 -6.59 0.03 22.46
CA ILE A 303 -6.97 -1.37 22.42
C ILE A 303 -8.08 -1.65 23.42
N THR A 304 -7.99 -1.06 24.61
CA THR A 304 -8.96 -1.33 25.65
C THR A 304 -10.34 -0.82 25.27
N GLU A 305 -10.42 0.29 24.52
CA GLU A 305 -11.71 0.85 24.15
C GLU A 305 -12.36 0.05 23.03
N ILE A 306 -11.56 -0.50 22.11
CA ILE A 306 -12.11 -1.41 21.11
C ILE A 306 -12.68 -2.66 21.80
N ALA A 307 -11.89 -3.28 22.67
CA ALA A 307 -12.31 -4.52 23.33
C ALA A 307 -13.62 -4.33 24.08
N TYR A 308 -13.75 -3.27 24.89
CA TYR A 308 -14.99 -3.07 25.63
C TYR A 308 -16.16 -2.80 24.70
N ALA A 309 -15.89 -2.12 23.58
CA ALA A 309 -16.95 -1.88 22.60
C ALA A 309 -17.46 -3.19 22.01
N LEU A 310 -16.53 -4.09 21.63
CA LEU A 310 -16.94 -5.37 21.08
C LEU A 310 -17.79 -6.13 22.08
N MET A 311 -17.34 -6.14 23.33
CA MET A 311 -18.05 -6.80 24.41
C MET A 311 -19.42 -6.19 24.64
N ASN A 312 -19.48 -4.86 24.71
CA ASN A 312 -20.73 -4.17 24.98
C ASN A 312 -21.82 -4.46 23.93
N ILE A 313 -21.46 -4.55 22.63
CA ILE A 313 -22.52 -4.72 21.64
C ILE A 313 -22.67 -6.17 21.17
N ASN A 314 -21.86 -7.08 21.70
CA ASN A 314 -22.06 -8.51 21.50
C ASN A 314 -22.04 -8.88 20.03
N ILE A 315 -21.16 -8.22 19.27
CA ILE A 315 -21.01 -8.49 17.84
C ILE A 315 -20.00 -9.61 17.66
N SER A 316 -20.16 -10.36 16.58
CA SER A 316 -19.11 -11.29 16.18
C SER A 316 -17.92 -10.54 15.63
N PHE A 317 -16.73 -11.07 15.87
CA PHE A 317 -15.55 -10.33 15.44
C PHE A 317 -14.38 -11.28 15.32
N LEU A 318 -13.51 -10.98 14.36
CA LEU A 318 -12.21 -11.62 14.20
C LEU A 318 -11.18 -10.51 14.27
N TRP A 319 -10.30 -10.58 15.27
CA TRP A 319 -9.42 -9.47 15.62
C TRP A 319 -7.98 -9.96 15.54
N VAL A 320 -7.21 -9.38 14.63
CA VAL A 320 -5.80 -9.69 14.50
C VAL A 320 -5.02 -8.76 15.41
N MET A 321 -4.32 -9.31 16.39
CA MET A 321 -3.48 -8.56 17.30
C MET A 321 -2.07 -9.11 17.15
N LYS A 322 -1.28 -8.46 16.30
CA LYS A 322 0.09 -8.90 16.08
C LYS A 322 0.89 -8.66 17.36
N PRO A 323 1.77 -9.58 17.73
CA PRO A 323 2.64 -9.35 18.88
C PRO A 323 3.92 -8.66 18.44
N PRO A 324 4.49 -7.78 19.26
CA PRO A 324 5.69 -7.03 18.87
C PRO A 324 6.88 -7.92 18.50
N ASP A 330 8.12 -2.27 21.05
CA ASP A 330 6.76 -2.26 21.59
C ASP A 330 6.54 -3.45 22.54
N LYS A 331 5.58 -3.30 23.45
CA LYS A 331 5.16 -4.38 24.30
C LYS A 331 3.81 -4.93 23.82
N GLN A 332 3.51 -6.15 24.27
CA GLN A 332 2.34 -6.87 23.78
C GLN A 332 1.08 -6.42 24.50
N HIS A 333 0.02 -6.17 23.74
CA HIS A 333 -1.26 -5.70 24.28
C HIS A 333 -1.82 -6.68 25.29
N VAL A 334 -2.75 -6.19 26.10
CA VAL A 334 -3.52 -7.04 27.02
C VAL A 334 -4.99 -6.67 26.89
N LEU A 335 -5.85 -7.65 27.11
CA LEU A 335 -7.27 -7.44 26.96
C LEU A 335 -7.92 -7.27 28.32
N PRO A 336 -9.18 -6.84 28.37
CA PRO A 336 -9.87 -6.79 29.66
C PRO A 336 -9.93 -8.18 30.28
N GLN A 337 -10.03 -8.20 31.62
CA GLN A 337 -10.05 -9.48 32.31
C GLN A 337 -11.36 -10.18 31.99
N GLY A 338 -11.26 -11.46 31.65
CA GLY A 338 -12.43 -12.24 31.27
C GLY A 338 -12.94 -11.99 29.87
N PHE A 339 -12.23 -11.18 29.07
CA PHE A 339 -12.67 -10.81 27.73
C PHE A 339 -13.02 -12.04 26.90
N LEU A 340 -12.03 -12.91 26.66
CA LEU A 340 -12.24 -14.11 25.85
C LEU A 340 -13.44 -14.92 26.32
N GLU A 341 -13.59 -15.08 27.64
CA GLU A 341 -14.68 -15.86 28.19
C GLU A 341 -16.01 -15.16 27.99
N LYS A 342 -16.08 -13.88 28.38
CA LYS A 342 -17.34 -13.15 28.32
C LYS A 342 -17.86 -13.10 26.89
N VAL A 343 -16.96 -12.84 25.94
CA VAL A 343 -17.34 -12.74 24.54
C VAL A 343 -17.85 -14.08 24.02
N GLY A 344 -17.09 -15.14 24.25
CA GLY A 344 -17.55 -16.48 23.90
C GLY A 344 -17.31 -16.91 22.47
N GLU A 345 -18.30 -17.56 21.87
CA GLU A 345 -18.16 -18.05 20.50
C GLU A 345 -18.17 -16.91 19.48
N LYS A 346 -18.74 -15.75 19.84
CA LYS A 346 -18.81 -14.62 18.93
C LYS A 346 -17.43 -14.12 18.52
N GLY A 347 -16.47 -14.14 19.44
CA GLY A 347 -15.20 -13.46 19.24
C GLY A 347 -13.99 -14.37 19.11
N LYS A 348 -13.02 -13.91 18.33
CA LYS A 348 -11.82 -14.69 18.08
C LYS A 348 -10.66 -13.72 17.84
N VAL A 349 -9.62 -13.84 18.66
CA VAL A 349 -8.41 -13.05 18.53
C VAL A 349 -7.33 -13.95 18.00
N VAL A 350 -6.64 -13.51 16.95
CA VAL A 350 -5.55 -14.25 16.36
C VAL A 350 -4.33 -13.34 16.26
N LYS A 351 -3.16 -13.97 16.13
CA LYS A 351 -1.90 -13.25 15.98
C LYS A 351 -1.54 -12.97 14.52
N TRP A 352 -2.24 -13.61 13.58
CA TRP A 352 -1.95 -13.51 12.16
C TRP A 352 -3.18 -13.99 11.40
N SER A 353 -3.37 -13.45 10.21
CA SER A 353 -4.56 -13.76 9.41
C SER A 353 -4.19 -13.99 7.95
N PRO A 354 -4.90 -14.90 7.26
CA PRO A 354 -4.82 -14.93 5.79
C PRO A 354 -5.76 -13.88 5.20
N GLN A 355 -5.27 -12.64 5.16
CA GLN A 355 -6.14 -11.47 5.01
C GLN A 355 -6.82 -11.43 3.65
N GLU A 356 -6.09 -11.74 2.58
CA GLU A 356 -6.71 -11.76 1.26
C GLU A 356 -7.81 -12.81 1.20
N GLN A 357 -7.63 -13.94 1.88
CA GLN A 357 -8.70 -14.93 1.97
C GLN A 357 -9.81 -14.45 2.89
N VAL A 358 -9.46 -13.80 4.01
CA VAL A 358 -10.47 -13.33 4.97
C VAL A 358 -11.39 -12.30 4.33
N LEU A 359 -10.83 -11.38 3.56
CA LEU A 359 -11.63 -10.29 3.03
C LEU A 359 -12.68 -10.78 2.03
N SER A 360 -12.39 -11.85 1.30
CA SER A 360 -13.39 -12.35 0.36
C SER A 360 -14.50 -13.14 1.04
N HIS A 361 -14.40 -13.41 2.34
CA HIS A 361 -15.37 -14.27 3.02
C HIS A 361 -16.69 -13.56 3.27
N GLN A 362 -17.77 -14.29 3.02
CA GLN A 362 -19.12 -13.75 3.12
C GLN A 362 -19.58 -13.50 4.54
N SER A 363 -18.89 -14.06 5.53
CA SER A 363 -19.30 -13.82 6.90
C SER A 363 -18.95 -12.42 7.38
N LEU A 364 -17.99 -11.75 6.73
CA LEU A 364 -17.55 -10.43 7.14
C LEU A 364 -18.68 -9.42 7.03
N ALA A 365 -18.93 -8.70 8.11
CA ALA A 365 -19.85 -7.58 8.00
C ALA A 365 -19.13 -6.29 7.64
N CYS A 366 -17.84 -6.18 7.97
CA CYS A 366 -17.10 -4.92 7.84
C CYS A 366 -15.64 -5.16 8.23
N PHE A 367 -14.81 -4.13 7.98
CA PHE A 367 -13.35 -4.20 8.07
C PHE A 367 -12.86 -2.94 8.79
N VAL A 368 -12.48 -3.07 10.06
CA VAL A 368 -11.83 -1.96 10.77
C VAL A 368 -10.37 -1.95 10.35
N THR A 369 -9.90 -0.82 9.83
CA THR A 369 -8.64 -0.87 9.13
C THR A 369 -7.90 0.45 9.31
N HIS A 370 -6.57 0.36 9.21
CA HIS A 370 -5.69 1.52 9.23
C HIS A 370 -5.64 2.26 7.89
N CYS A 371 -6.28 1.73 6.84
CA CYS A 371 -6.42 2.43 5.57
C CYS A 371 -5.09 2.67 4.86
N GLY A 372 -4.14 1.76 5.04
CA GLY A 372 -3.04 1.68 4.08
C GLY A 372 -3.60 1.44 2.69
N TRP A 373 -2.86 1.81 1.63
CA TRP A 373 -3.49 1.77 0.31
C TRP A 373 -3.81 0.34 -0.11
N ASN A 374 -2.86 -0.57 0.05
CA ASN A 374 -3.14 -1.96 -0.34
C ASN A 374 -4.36 -2.50 0.37
N SER A 375 -4.50 -2.22 1.66
CA SER A 375 -5.63 -2.71 2.43
C SER A 375 -6.92 -2.03 2.00
N SER A 376 -6.83 -0.74 1.66
CA SER A 376 -8.01 -0.04 1.14
C SER A 376 -8.48 -0.66 -0.17
N MET A 377 -7.55 -0.97 -1.07
CA MET A 377 -7.92 -1.65 -2.31
C MET A 377 -8.45 -3.04 -2.03
N GLU A 378 -7.87 -3.73 -1.05
CA GLU A 378 -8.35 -5.06 -0.71
C GLU A 378 -9.79 -5.00 -0.21
N ALA A 379 -10.15 -3.95 0.53
CA ALA A 379 -11.55 -3.79 0.89
C ALA A 379 -12.40 -3.56 -0.34
N LEU A 380 -11.95 -2.65 -1.22
CA LEU A 380 -12.70 -2.30 -2.42
C LEU A 380 -12.90 -3.51 -3.33
N ALA A 381 -11.81 -4.19 -3.67
CA ALA A 381 -11.90 -5.36 -4.54
C ALA A 381 -12.84 -6.42 -3.98
N ASN A 382 -12.94 -6.55 -2.67
CA ASN A 382 -13.76 -7.60 -2.09
C ASN A 382 -15.15 -7.13 -1.69
N GLY A 383 -15.49 -5.88 -1.97
CA GLY A 383 -16.81 -5.38 -1.60
C GLY A 383 -17.16 -5.37 -0.13
N ILE A 384 -16.28 -4.93 0.77
CA ILE A 384 -16.60 -4.93 2.19
C ILE A 384 -16.43 -3.54 2.80
N ARG A 385 -17.44 -3.12 3.57
CA ARG A 385 -17.46 -1.82 4.21
C ARG A 385 -16.29 -1.62 5.18
N VAL A 386 -15.86 -0.37 5.33
CA VAL A 386 -14.72 -0.07 6.18
C VAL A 386 -15.17 0.76 7.38
N VAL A 387 -14.37 0.67 8.43
CA VAL A 387 -14.43 1.58 9.56
C VAL A 387 -13.02 2.15 9.65
N THR A 388 -12.89 3.45 9.45
CA THR A 388 -11.55 3.98 9.19
C THR A 388 -10.89 4.37 10.50
N LEU A 389 -9.72 3.81 10.74
CA LEU A 389 -8.85 4.21 11.84
C LEU A 389 -7.47 4.52 11.30
N PRO A 390 -7.33 5.54 10.45
CA PRO A 390 -6.02 5.84 9.87
C PRO A 390 -5.04 6.32 10.94
N GLN A 391 -3.77 6.01 10.73
CA GLN A 391 -2.76 6.49 11.67
C GLN A 391 -1.84 7.53 11.00
N TRP A 392 -0.92 7.11 10.13
CA TRP A 392 0.07 8.03 9.57
C TRP A 392 0.07 7.97 8.06
N GLY A 393 0.77 8.92 7.46
CA GLY A 393 1.09 8.82 6.04
C GLY A 393 -0.10 9.11 5.14
N ASP A 394 -0.22 8.30 4.09
CA ASP A 394 -1.34 8.35 3.17
C ASP A 394 -2.63 7.80 3.76
N GLN A 395 -2.57 7.14 4.92
CA GLN A 395 -3.77 6.55 5.48
C GLN A 395 -4.84 7.60 5.76
N VAL A 396 -4.44 8.83 6.09
CA VAL A 396 -5.43 9.86 6.37
C VAL A 396 -6.13 10.28 5.09
N THR A 397 -5.41 10.22 3.96
CA THR A 397 -6.00 10.49 2.66
C THR A 397 -6.88 9.31 2.22
N ASN A 398 -6.37 8.09 2.35
CA ASN A 398 -7.19 6.95 1.99
C ASN A 398 -8.49 6.92 2.81
N ALA A 399 -8.40 7.28 4.10
CA ALA A 399 -9.59 7.27 4.96
C ALA A 399 -10.66 8.21 4.43
N LYS A 400 -10.28 9.46 4.13
CA LYS A 400 -11.18 10.44 3.54
C LYS A 400 -11.82 9.90 2.26
N PHE A 401 -11.05 9.25 1.38
CA PHE A 401 -11.62 8.79 0.13
C PHE A 401 -12.56 7.61 0.36
N LEU A 402 -12.15 6.66 1.21
CA LEU A 402 -13.02 5.54 1.56
C LEU A 402 -14.41 6.02 1.97
N VAL A 403 -14.46 7.03 2.84
CA VAL A 403 -15.71 7.41 3.49
C VAL A 403 -16.52 8.37 2.64
N ASP A 404 -15.87 9.42 2.13
CA ASP A 404 -16.55 10.55 1.52
C ASP A 404 -16.54 10.54 0.00
N VAL A 405 -15.71 9.70 -0.63
CA VAL A 405 -15.68 9.59 -2.09
C VAL A 405 -16.16 8.21 -2.55
N PHE A 406 -15.51 7.15 -2.08
CA PHE A 406 -15.86 5.81 -2.52
C PHE A 406 -17.18 5.33 -1.92
N GLY A 407 -17.57 5.85 -0.75
CA GLY A 407 -18.86 5.53 -0.17
C GLY A 407 -18.97 4.17 0.50
N VAL A 408 -17.87 3.67 1.08
CA VAL A 408 -17.87 2.29 1.52
C VAL A 408 -17.57 2.19 3.01
N GLY A 409 -17.87 3.22 3.77
CA GLY A 409 -17.77 3.04 5.20
C GLY A 409 -17.86 4.34 5.98
N VAL A 410 -17.51 4.22 7.25
CA VAL A 410 -17.72 5.26 8.24
C VAL A 410 -16.39 5.61 8.85
N ARG A 411 -16.31 6.82 9.36
CA ARG A 411 -15.09 7.38 9.93
C ARG A 411 -15.05 7.20 11.45
N LEU A 412 -14.00 6.53 11.94
CA LEU A 412 -13.80 6.37 13.37
C LEU A 412 -12.72 7.27 13.95
N SER A 413 -11.64 7.58 13.22
CA SER A 413 -10.61 8.49 13.71
C SER A 413 -10.03 9.32 12.56
N ARG A 414 -9.19 10.30 12.91
CA ARG A 414 -8.58 11.23 11.93
C ARG A 414 -7.06 11.12 11.80
N GLY A 415 -6.40 10.15 12.43
CA GLY A 415 -4.96 10.01 12.28
C GLY A 415 -4.17 10.60 13.43
N ASP A 416 -2.85 10.66 13.24
CA ASP A 416 -1.94 11.01 14.34
C ASP A 416 -2.13 12.45 14.84
N LEU A 417 -2.51 13.38 13.97
CA LEU A 417 -2.67 14.77 14.40
C LEU A 417 -3.90 14.98 15.29
N GLU A 418 -4.82 14.03 15.35
CA GLU A 418 -5.93 14.16 16.29
C GLU A 418 -5.43 13.93 17.72
N ASP A 419 -4.57 12.93 17.90
CA ASP A 419 -4.00 12.56 19.20
C ASP A 419 -5.07 12.50 20.29
N ARG A 420 -6.13 11.74 20.02
CA ARG A 420 -7.19 11.51 20.98
C ARG A 420 -7.56 10.04 20.89
N ILE A 421 -7.76 9.42 22.06
CA ILE A 421 -8.21 8.03 22.10
C ILE A 421 -9.68 8.01 21.74
N ILE A 422 -10.04 7.18 20.77
CA ILE A 422 -11.41 7.08 20.28
C ILE A 422 -12.21 6.27 21.30
N PRO A 423 -13.09 6.91 22.08
CA PRO A 423 -13.73 6.21 23.20
C PRO A 423 -14.68 5.11 22.73
N ARG A 424 -14.87 4.12 23.61
CA ARG A 424 -15.68 2.95 23.29
C ARG A 424 -17.06 3.32 22.72
N GLU A 425 -17.67 4.41 23.24
CA GLU A 425 -19.01 4.78 22.81
C GLU A 425 -19.04 5.06 21.32
N GLU A 426 -18.01 5.72 20.82
CA GLU A 426 -17.98 6.06 19.41
C GLU A 426 -17.65 4.84 18.56
N ILE A 427 -16.77 3.97 19.05
CA ILE A 427 -16.48 2.73 18.35
C ILE A 427 -17.75 1.91 18.23
N GLU A 428 -18.56 1.84 19.28
CA GLU A 428 -19.82 1.13 19.18
C GLU A 428 -20.75 1.81 18.19
N LEU A 429 -20.75 3.15 18.17
CA LEU A 429 -21.65 3.83 17.26
C LEU A 429 -21.32 3.51 15.80
N ARG A 430 -20.03 3.58 15.44
CA ARG A 430 -19.68 3.41 14.04
C ARG A 430 -19.97 1.99 13.60
N LEU A 431 -19.74 1.02 14.49
CA LEU A 431 -19.92 -0.38 14.15
C LEU A 431 -21.39 -0.69 13.86
N LEU A 432 -22.30 -0.05 14.61
CA LEU A 432 -23.71 -0.20 14.31
C LEU A 432 -24.09 0.55 13.04
N GLU A 433 -23.50 1.74 12.84
CA GLU A 433 -23.71 2.47 11.60
C GLU A 433 -23.31 1.64 10.39
N VAL A 434 -22.11 1.06 10.43
CA VAL A 434 -21.61 0.34 9.29
C VAL A 434 -22.35 -0.99 9.04
N THR A 435 -23.07 -1.54 10.04
CA THR A 435 -23.65 -2.88 9.91
C THR A 435 -25.17 -2.94 9.94
N SER A 436 -25.86 -2.05 10.65
CA SER A 436 -27.31 -2.03 10.58
C SER A 436 -27.91 -0.64 10.39
N GLY A 437 -27.11 0.43 10.44
CA GLY A 437 -27.62 1.78 10.34
C GLY A 437 -28.38 2.10 9.06
N GLU A 438 -28.87 3.34 8.95
CA GLU A 438 -29.77 3.74 7.86
C GLU A 438 -29.12 3.62 6.49
N LYS A 439 -27.79 3.66 6.43
CA LYS A 439 -27.03 3.72 5.19
C LYS A 439 -26.17 2.49 5.00
N ALA A 440 -26.35 1.49 5.86
CA ALA A 440 -25.45 0.35 5.85
C ALA A 440 -25.58 -0.47 4.57
N THR A 441 -26.80 -0.62 4.04
CA THR A 441 -26.88 -1.42 2.82
C THR A 441 -26.55 -0.57 1.59
N GLU A 442 -26.68 0.75 1.71
CA GLU A 442 -26.17 1.64 0.67
C GLU A 442 -24.66 1.50 0.51
N MET A 443 -23.92 1.49 1.62
CA MET A 443 -22.47 1.34 1.57
C MET A 443 -22.07 -0.06 1.11
N LYS A 444 -22.83 -1.09 1.49
CA LYS A 444 -22.64 -2.42 0.91
C LYS A 444 -22.80 -2.37 -0.61
N HIS A 445 -23.78 -1.60 -1.10
CA HIS A 445 -23.99 -1.51 -2.54
C HIS A 445 -22.77 -0.89 -3.22
N ASN A 446 -22.36 0.31 -2.79
CA ASN A 446 -21.13 0.93 -3.32
C ASN A 446 -19.97 -0.05 -3.26
N ALA A 447 -19.80 -0.74 -2.12
CA ALA A 447 -18.70 -1.68 -1.99
C ALA A 447 -18.72 -2.75 -3.07
N LEU A 448 -19.92 -3.24 -3.41
CA LEU A 448 -20.06 -4.31 -4.40
C LEU A 448 -19.84 -3.78 -5.81
N ARG A 449 -20.31 -2.57 -6.08
CA ARG A 449 -20.00 -1.95 -7.35
C ARG A 449 -18.51 -1.65 -7.50
N TRP A 450 -17.80 -1.41 -6.39
CA TRP A 450 -16.37 -1.25 -6.57
C TRP A 450 -15.69 -2.59 -6.68
N LYS A 451 -16.22 -3.61 -6.01
CA LYS A 451 -15.77 -4.97 -6.26
C LYS A 451 -15.92 -5.33 -7.73
N LYS A 452 -17.12 -5.12 -8.28
CA LYS A 452 -17.34 -5.37 -9.70
C LYS A 452 -16.31 -4.64 -10.55
N ALA A 453 -16.15 -3.32 -10.34
CA ALA A 453 -15.26 -2.51 -11.18
C ALA A 453 -13.81 -2.95 -11.07
N ALA A 454 -13.41 -3.42 -9.90
CA ALA A 454 -12.03 -3.88 -9.73
C ALA A 454 -11.79 -5.17 -10.49
N GLU A 455 -12.79 -6.03 -10.61
CA GLU A 455 -12.62 -7.26 -11.35
C GLU A 455 -12.49 -7.00 -12.85
N GLU A 456 -13.14 -5.95 -13.33
CA GLU A 456 -13.06 -5.62 -14.75
C GLU A 456 -11.69 -5.05 -15.11
N ALA A 457 -11.10 -4.24 -14.22
CA ALA A 457 -9.80 -3.63 -14.49
C ALA A 457 -8.73 -4.67 -14.79
N VAL A 458 -8.78 -5.82 -14.13
CA VAL A 458 -7.79 -6.87 -14.28
C VAL A 458 -8.26 -8.00 -15.20
N ALA A 459 -9.50 -7.94 -15.67
CA ALA A 459 -9.90 -8.87 -16.72
C ALA A 459 -8.96 -8.77 -17.92
N LYS A 460 -8.98 -9.82 -18.74
CA LYS A 460 -8.10 -9.92 -19.90
C LYS A 460 -8.07 -8.61 -20.70
N ASP A 461 -9.23 -7.98 -20.87
CA ASP A 461 -9.39 -6.75 -21.63
C ASP A 461 -9.54 -5.50 -20.77
N GLY A 462 -9.27 -5.58 -19.47
CA GLY A 462 -9.50 -4.45 -18.59
C GLY A 462 -8.42 -3.37 -18.67
N SER A 463 -8.78 -2.20 -18.12
CA SER A 463 -7.87 -1.04 -18.06
C SER A 463 -6.47 -1.44 -17.58
N SER A 464 -6.39 -2.09 -16.41
CA SER A 464 -5.08 -2.32 -15.82
C SER A 464 -4.27 -3.33 -16.63
N SER A 465 -4.92 -4.37 -17.16
CA SER A 465 -4.22 -5.35 -17.99
C SER A 465 -3.70 -4.69 -19.27
N LYS A 466 -4.51 -3.82 -19.87
CA LYS A 466 -4.08 -3.12 -21.08
C LYS A 466 -2.88 -2.23 -20.78
N ASN A 467 -2.98 -1.42 -19.72
CA ASN A 467 -1.91 -0.51 -19.32
C ASN A 467 -0.59 -1.26 -19.14
N LEU A 468 -0.63 -2.41 -18.47
CA LEU A 468 0.58 -3.19 -18.28
C LEU A 468 1.08 -3.76 -19.60
N GLN A 469 0.18 -4.05 -20.55
CA GLN A 469 0.64 -4.50 -21.85
C GLN A 469 1.31 -3.37 -22.62
N GLU A 470 0.73 -2.17 -22.59
CA GLU A 470 1.34 -1.05 -23.31
C GLU A 470 2.68 -0.64 -22.71
N PHE A 471 2.84 -0.79 -21.39
CA PHE A 471 4.17 -0.63 -20.81
C PHE A 471 5.14 -1.61 -21.45
N VAL A 472 4.77 -2.90 -21.45
CA VAL A 472 5.60 -3.92 -22.08
C VAL A 472 5.84 -3.61 -23.55
N ASP A 473 4.87 -2.98 -24.23
CA ASP A 473 5.06 -2.62 -25.63
C ASP A 473 6.14 -1.57 -25.79
N GLU A 474 6.04 -0.46 -25.04
CA GLU A 474 7.05 0.58 -25.13
C GLU A 474 8.45 0.04 -24.84
N LEU A 475 8.56 -0.96 -23.95
CA LEU A 475 9.87 -1.54 -23.68
C LEU A 475 10.42 -2.25 -24.91
N ASN A 476 9.57 -2.98 -25.63
CA ASN A 476 10.01 -3.64 -26.85
C ASN A 476 10.40 -2.63 -27.92
N ASN A 477 9.65 -1.54 -28.05
CA ASN A 477 9.96 -0.52 -29.05
C ASN A 477 11.17 0.32 -28.67
N PHE A 478 11.68 0.19 -27.45
CA PHE A 478 13.04 0.65 -27.17
C PHE A 478 14.06 -0.27 -27.84
N ARG A 479 13.79 -1.57 -27.87
CA ARG A 479 14.61 -2.53 -28.60
C ARG A 479 14.65 -2.20 -30.09
#